data_3HXL
#
_entry.id   3HXL
#
_cell.length_a   34.382
_cell.length_b   71.958
_cell.length_c   108.831
_cell.angle_alpha   90.000
_cell.angle_beta   94.450
_cell.angle_gamma   90.000
#
_symmetry.space_group_name_H-M   'P 1 21 1'
#
loop_
_entity.id
_entity.type
_entity.pdbx_description
1 polymer 'uncharacterized protein DSY3957'
2 water water
#
_entity_poly.entity_id   1
_entity_poly.type   'polypeptide(L)'
_entity_poly.pdbx_seq_one_letter_code
;(MSE)AAGTFTAQNKVRPGVYINFKSEPQAAGTLGERGIVS(MSE)PLILSWGEPGK(MSE)ITIEAGDDVFPKLGYSI
(MSE)DAQLRLINEALKRAKTLLLYRLNAGTKAAVTVGNLTVTAKWGGARGNDITLVIQENIDDETKFDVSTLVDGAELD
KQTVSDIAGLAANDWVIFSGTGALTETAGAPLINGSDGAVTNQAYIDYLAAVEIFDFNTIALPSTDDALKATFTAFAKRL
RDDEGKKIQVVLENYPAADYEGVISVKNGVVLADGTILTAAQATAWVAGATAGARVNESLTYQGYDEAVDVAPRYTNAQI
IAALQAGEFLFTASDNQALVEQDINTLTSFTADKGKQFAKNRVIRVLDGINNDFVRIFSKFYIGKVSNNADGRNLLKSEC
INY(MSE)NTLQDIDAIKNFDGQTDLTVQSGNDVDAVYIEAYAWPVDSIEKIYVRVRIKLEHHHHHH
;
_entity_poly.pdbx_strand_id   A
#
# COMPACT_ATOMS: atom_id res chain seq x y z
N GLY A 15 -2.41 63.00 -1.77
CA GLY A 15 -2.28 62.29 -3.08
C GLY A 15 -2.60 60.81 -2.96
N VAL A 16 -2.12 60.03 -3.94
CA VAL A 16 -2.36 58.59 -3.95
C VAL A 16 -1.08 57.85 -4.33
N TYR A 17 -0.57 57.03 -3.40
CA TYR A 17 0.64 56.25 -3.63
C TYR A 17 0.30 54.77 -3.74
N ILE A 18 0.66 54.18 -4.88
CA ILE A 18 0.36 52.78 -5.15
C ILE A 18 1.62 51.98 -5.44
N ASN A 19 1.72 50.78 -4.87
CA ASN A 19 2.88 49.93 -5.12
C ASN A 19 2.40 48.50 -5.34
N PHE A 20 3.14 47.74 -6.15
CA PHE A 20 2.77 46.37 -6.45
C PHE A 20 3.89 45.41 -6.09
N LYS A 21 3.55 44.21 -5.64
CA LYS A 21 4.52 43.19 -5.28
C LYS A 21 4.03 41.79 -5.65
N SER A 22 4.93 40.95 -6.17
CA SER A 22 4.58 39.58 -6.53
C SER A 22 4.18 38.83 -5.27
N GLU A 23 3.35 37.81 -5.44
CA GLU A 23 2.90 36.99 -4.31
C GLU A 23 3.16 35.52 -4.67
N PRO A 24 4.43 35.08 -4.57
CA PRO A 24 4.83 33.70 -4.89
C PRO A 24 4.04 32.65 -4.12
N GLN A 25 3.94 31.46 -4.71
CA GLN A 25 3.21 30.37 -4.08
C GLN A 25 4.10 29.15 -3.88
N LEU A 30 8.22 17.90 -8.02
CA LEU A 30 8.26 16.43 -8.04
C LEU A 30 7.36 15.85 -6.96
N GLY A 31 6.40 15.04 -7.39
CA GLY A 31 5.48 14.44 -6.46
C GLY A 31 6.13 13.47 -5.49
N GLU A 32 5.42 13.16 -4.42
CA GLU A 32 5.92 12.24 -3.42
C GLU A 32 5.16 10.92 -3.52
N ARG A 33 5.93 9.84 -3.48
CA ARG A 33 5.39 8.49 -3.57
C ARG A 33 5.28 7.98 -2.13
N GLY A 34 5.71 6.74 -1.91
CA GLY A 34 5.68 6.17 -0.57
C GLY A 34 4.39 5.57 -0.07
N ILE A 35 3.35 5.55 -0.91
CA ILE A 35 2.07 5.02 -0.47
C ILE A 35 1.75 3.65 -1.06
N VAL A 36 1.60 2.66 -0.17
CA VAL A 36 1.27 1.30 -0.59
C VAL A 36 -0.11 0.93 -0.03
N SER A 37 -0.82 0.04 -0.72
CA SER A 37 -2.14 -0.39 -0.24
C SER A 37 -2.22 -1.91 -0.34
N PRO A 39 -4.94 -5.46 0.50
CA PRO A 39 -6.19 -6.04 1.00
C PRO A 39 -5.83 -7.29 1.80
N LEU A 40 -6.27 -7.37 3.05
CA LEU A 40 -5.95 -8.52 3.88
C LEU A 40 -7.10 -9.14 4.64
N ILE A 41 -6.93 -10.42 4.94
CA ILE A 41 -7.88 -11.17 5.72
C ILE A 41 -7.28 -11.14 7.12
N LEU A 42 -7.99 -10.52 8.05
CA LEU A 42 -7.51 -10.36 9.42
C LEU A 42 -8.41 -11.06 10.44
N SER A 43 -8.00 -11.00 11.71
CA SER A 43 -8.76 -11.62 12.79
C SER A 43 -9.34 -10.56 13.71
N TRP A 44 -9.16 -9.29 13.34
CA TRP A 44 -9.66 -8.18 14.14
C TRP A 44 -9.54 -6.90 13.32
N GLY A 45 -10.27 -5.87 13.73
CA GLY A 45 -10.20 -4.59 13.03
C GLY A 45 -11.45 -4.26 12.24
N GLU A 46 -11.65 -2.97 11.99
CA GLU A 46 -12.81 -2.50 11.23
C GLU A 46 -12.75 -3.05 9.81
N PRO A 47 -13.81 -3.77 9.38
CA PRO A 47 -13.87 -4.35 8.04
C PRO A 47 -14.42 -3.42 6.95
N GLY A 48 -14.03 -3.66 5.72
CA GLY A 48 -14.50 -2.90 4.57
C GLY A 48 -14.40 -1.39 4.64
N LYS A 49 -13.35 -0.91 5.32
CA LYS A 49 -13.13 0.51 5.47
C LYS A 49 -11.62 0.72 5.45
N ILE A 51 -8.07 1.69 6.15
CA ILE A 51 -7.34 2.05 7.36
C ILE A 51 -6.00 2.62 6.93
N THR A 52 -5.66 3.79 7.46
CA THR A 52 -4.41 4.44 7.11
C THR A 52 -3.42 4.27 8.26
N ILE A 53 -2.25 3.73 7.93
CA ILE A 53 -1.21 3.51 8.93
C ILE A 53 0.08 4.12 8.44
N GLU A 54 0.65 5.03 9.23
CA GLU A 54 1.91 5.66 8.88
C GLU A 54 3.01 4.80 9.49
N ALA A 55 4.15 4.72 8.82
CA ALA A 55 5.25 3.92 9.35
C ALA A 55 5.55 4.40 10.77
N GLY A 56 5.77 3.47 11.68
CA GLY A 56 6.06 3.85 13.05
C GLY A 56 4.83 3.94 13.94
N ASP A 57 3.65 4.02 13.33
CA ASP A 57 2.42 4.11 14.11
C ASP A 57 2.18 2.89 14.98
N ASP A 58 1.51 3.10 16.12
CA ASP A 58 1.18 2.01 17.01
C ASP A 58 -0.09 1.44 16.38
N VAL A 59 -0.06 0.16 16.05
CA VAL A 59 -1.22 -0.47 15.40
C VAL A 59 -2.08 -1.29 16.36
N PHE A 60 -1.68 -1.33 17.62
CA PHE A 60 -2.42 -2.11 18.61
C PHE A 60 -3.87 -1.63 18.75
N PRO A 61 -4.07 -0.31 18.88
CA PRO A 61 -5.42 0.24 19.01
C PRO A 61 -6.37 -0.10 17.86
N LYS A 62 -5.89 0.05 16.63
CA LYS A 62 -6.71 -0.22 15.45
C LYS A 62 -6.82 -1.70 15.06
N LEU A 63 -5.71 -2.42 15.15
CA LEU A 63 -5.71 -3.82 14.74
C LEU A 63 -5.78 -4.89 15.81
N GLY A 64 -5.79 -4.48 17.07
CA GLY A 64 -5.89 -5.43 18.17
C GLY A 64 -4.68 -6.33 18.37
N TYR A 65 -3.62 -6.09 17.61
CA TYR A 65 -2.40 -6.88 17.70
C TYR A 65 -1.20 -5.95 17.70
N SER A 66 -0.05 -6.47 18.10
CA SER A 66 1.18 -5.70 18.12
C SER A 66 1.82 -5.82 16.74
N ILE A 67 2.61 -4.83 16.34
CA ILE A 67 3.27 -4.85 15.04
C ILE A 67 4.15 -6.09 14.92
N ASP A 69 3.35 -9.14 16.40
CA ASP A 69 2.60 -10.38 16.47
C ASP A 69 2.57 -10.94 15.05
N ALA A 70 2.82 -12.24 14.92
CA ALA A 70 2.84 -12.93 13.64
C ALA A 70 1.64 -12.58 12.77
N GLN A 71 0.51 -12.30 13.41
CA GLN A 71 -0.70 -11.97 12.68
C GLN A 71 -0.57 -10.71 11.82
N LEU A 72 0.33 -9.80 12.18
CA LEU A 72 0.46 -8.58 11.39
C LEU A 72 1.72 -8.53 10.55
N ARG A 73 2.34 -9.69 10.36
CA ARG A 73 3.55 -9.79 9.56
C ARG A 73 3.55 -8.99 8.25
N LEU A 74 2.51 -9.14 7.42
CA LEU A 74 2.46 -8.43 6.15
C LEU A 74 2.44 -6.92 6.28
N ILE A 75 1.78 -6.43 7.34
CA ILE A 75 1.72 -5.00 7.57
C ILE A 75 3.12 -4.52 7.92
N ASN A 76 3.81 -5.31 8.75
CA ASN A 76 5.17 -4.99 9.16
C ASN A 76 6.08 -4.93 7.92
N GLU A 77 6.00 -5.94 7.06
CA GLU A 77 6.83 -5.98 5.86
C GLU A 77 6.57 -4.83 4.89
N ALA A 78 5.30 -4.51 4.65
CA ALA A 78 4.96 -3.44 3.72
C ALA A 78 5.49 -2.10 4.21
N LEU A 79 5.52 -1.90 5.52
CA LEU A 79 6.00 -0.65 6.06
C LEU A 79 7.50 -0.59 6.29
N LYS A 80 8.25 -1.59 5.80
CA LYS A 80 9.69 -1.56 5.94
C LYS A 80 10.23 -0.48 5.00
N ARG A 81 9.61 -0.31 3.84
CA ARG A 81 10.06 0.69 2.88
C ARG A 81 9.03 1.77 2.55
N ALA A 82 7.75 1.48 2.78
CA ALA A 82 6.70 2.46 2.49
C ALA A 82 6.50 3.40 3.67
N LYS A 83 6.01 4.60 3.38
CA LYS A 83 5.77 5.57 4.43
C LYS A 83 4.33 5.52 4.90
N THR A 84 3.43 5.11 4.02
CA THR A 84 2.03 5.01 4.37
C THR A 84 1.39 3.75 3.77
N LEU A 85 0.58 3.08 4.59
CA LEU A 85 -0.11 1.88 4.15
C LEU A 85 -1.62 2.09 4.21
N LEU A 86 -2.29 1.80 3.10
CA LEU A 86 -3.73 1.90 3.05
C LEU A 86 -4.16 0.44 3.14
N LEU A 87 -4.63 0.06 4.34
CA LEU A 87 -5.04 -1.30 4.64
C LEU A 87 -6.54 -1.50 4.57
N TYR A 88 -6.95 -2.61 3.97
CA TYR A 88 -8.37 -2.91 3.84
C TYR A 88 -8.64 -4.32 4.35
N ARG A 89 -9.44 -4.44 5.40
CA ARG A 89 -9.76 -5.78 5.92
C ARG A 89 -10.93 -6.33 5.12
N LEU A 90 -10.69 -7.43 4.42
CA LEU A 90 -11.67 -8.07 3.55
C LEU A 90 -12.80 -8.85 4.21
N ASN A 91 -12.60 -9.24 5.46
CA ASN A 91 -13.58 -10.05 6.19
C ASN A 91 -14.09 -9.39 7.46
N ALA A 92 -15.39 -9.51 7.69
CA ALA A 92 -16.01 -8.96 8.89
C ALA A 92 -15.99 -10.01 10.00
N GLY A 93 -15.93 -11.27 9.61
CA GLY A 93 -15.89 -12.36 10.57
C GLY A 93 -17.07 -12.39 11.53
N THR A 94 -16.97 -13.24 12.55
CA THR A 94 -18.02 -13.36 13.57
C THR A 94 -17.49 -12.89 14.93
N LYS A 95 -18.28 -12.06 15.60
CA LYS A 95 -17.91 -11.53 16.90
C LYS A 95 -18.00 -12.54 18.03
N ALA A 96 -16.96 -12.64 18.82
CA ALA A 96 -16.97 -13.56 19.95
C ALA A 96 -17.80 -12.90 21.05
N ALA A 97 -18.34 -13.71 21.95
CA ALA A 97 -19.15 -13.17 23.02
C ALA A 97 -19.34 -14.17 24.15
N VAL A 98 -19.88 -13.69 25.26
CA VAL A 98 -20.13 -14.53 26.42
C VAL A 98 -21.18 -13.82 27.28
N THR A 99 -22.02 -14.61 27.95
CA THR A 99 -23.07 -14.07 28.80
C THR A 99 -22.91 -14.58 30.23
N VAL A 100 -22.92 -13.67 31.19
CA VAL A 100 -22.83 -14.02 32.60
C VAL A 100 -24.01 -13.35 33.28
N GLY A 101 -25.03 -14.15 33.58
CA GLY A 101 -26.23 -13.61 34.22
C GLY A 101 -26.98 -12.71 33.26
N ASN A 102 -27.13 -11.44 33.64
CA ASN A 102 -27.84 -10.48 32.82
C ASN A 102 -26.91 -9.79 31.83
N LEU A 103 -25.62 -9.85 32.11
CA LEU A 103 -24.61 -9.21 31.27
C LEU A 103 -24.11 -10.01 30.08
N THR A 104 -24.03 -9.35 28.93
CA THR A 104 -23.50 -9.97 27.74
C THR A 104 -22.35 -9.08 27.30
N VAL A 105 -21.22 -9.71 27.00
CA VAL A 105 -20.02 -9.00 26.55
C VAL A 105 -19.71 -9.51 25.15
N THR A 106 -19.69 -8.59 24.20
CA THR A 106 -19.44 -8.93 22.80
C THR A 106 -18.24 -8.17 22.25
N ALA A 107 -17.39 -8.89 21.52
CA ALA A 107 -16.19 -8.30 20.91
C ALA A 107 -16.57 -7.10 20.05
N LYS A 108 -15.69 -6.10 20.00
CA LYS A 108 -15.94 -4.89 19.21
C LYS A 108 -15.96 -5.23 17.72
N TRP A 109 -15.05 -6.12 17.32
CA TRP A 109 -14.95 -6.53 15.92
C TRP A 109 -15.04 -8.05 15.82
N GLY A 110 -15.49 -8.55 14.68
CA GLY A 110 -15.59 -9.98 14.50
C GLY A 110 -14.19 -10.52 14.23
N GLY A 111 -13.98 -11.80 14.50
CA GLY A 111 -12.67 -12.40 14.27
C GLY A 111 -12.30 -13.34 15.41
N ALA A 112 -11.29 -14.18 15.15
CA ALA A 112 -10.82 -15.13 16.14
C ALA A 112 -10.13 -14.44 17.30
N ARG A 113 -9.73 -13.18 17.09
CA ARG A 113 -9.06 -12.43 18.14
C ARG A 113 -10.01 -12.21 19.31
N GLY A 114 -11.31 -12.25 19.04
CA GLY A 114 -12.28 -12.07 20.09
C GLY A 114 -12.23 -13.21 21.11
N ASN A 115 -11.79 -14.38 20.69
CA ASN A 115 -11.71 -15.51 21.60
C ASN A 115 -10.56 -15.41 22.60
N ASP A 116 -9.70 -14.39 22.44
CA ASP A 116 -8.59 -14.20 23.36
C ASP A 116 -8.99 -13.22 24.46
N ILE A 117 -10.26 -12.86 24.48
CA ILE A 117 -10.77 -11.94 25.48
C ILE A 117 -11.47 -12.72 26.59
N THR A 118 -11.27 -12.30 27.82
CA THR A 118 -11.91 -12.95 28.96
C THR A 118 -12.46 -11.92 29.92
N LEU A 119 -13.69 -12.15 30.36
CA LEU A 119 -14.37 -11.25 31.29
C LEU A 119 -14.15 -11.71 32.73
N VAL A 120 -13.89 -10.73 33.60
CA VAL A 120 -13.69 -11.01 35.03
C VAL A 120 -14.53 -10.01 35.82
N ILE A 121 -15.41 -10.54 36.68
CA ILE A 121 -16.28 -9.72 37.52
C ILE A 121 -16.13 -10.16 38.97
N GLN A 122 -15.55 -9.28 39.78
CA GLN A 122 -15.33 -9.58 41.19
C GLN A 122 -15.82 -8.43 42.05
N GLU A 123 -16.43 -8.78 43.18
CA GLU A 123 -16.93 -7.79 44.11
C GLU A 123 -15.76 -6.90 44.52
N ASN A 124 -16.00 -5.58 44.56
CA ASN A 124 -14.96 -4.64 44.93
C ASN A 124 -14.61 -4.84 46.40
N ILE A 125 -13.30 -4.80 46.70
CA ILE A 125 -12.82 -5.00 48.06
C ILE A 125 -13.18 -3.84 49.01
N ASP A 126 -12.99 -2.61 48.55
CA ASP A 126 -13.29 -1.44 49.36
C ASP A 126 -14.78 -1.23 49.61
N ASP A 127 -15.59 -1.42 48.58
CA ASP A 127 -17.04 -1.24 48.69
C ASP A 127 -17.75 -2.47 48.13
N GLU A 128 -18.23 -3.31 49.02
CA GLU A 128 -18.92 -4.54 48.64
C GLU A 128 -20.18 -4.33 47.81
N THR A 129 -20.62 -3.08 47.66
CA THR A 129 -21.82 -2.80 46.88
C THR A 129 -21.45 -2.52 45.43
N LYS A 130 -20.17 -2.66 45.10
CA LYS A 130 -19.70 -2.41 43.74
C LYS A 130 -18.93 -3.61 43.19
N PHE A 131 -18.78 -3.65 41.88
CA PHE A 131 -18.06 -4.74 41.24
C PHE A 131 -16.91 -4.21 40.39
N ASP A 132 -15.86 -4.99 40.28
CA ASP A 132 -14.73 -4.61 39.45
C ASP A 132 -14.82 -5.45 38.19
N VAL A 133 -15.22 -4.82 37.09
CA VAL A 133 -15.35 -5.52 35.82
C VAL A 133 -14.10 -5.30 34.99
N SER A 134 -13.33 -6.35 34.81
CA SER A 134 -12.09 -6.24 34.04
C SER A 134 -12.14 -7.01 32.74
N THR A 135 -11.50 -6.45 31.73
CA THR A 135 -11.43 -7.07 30.41
C THR A 135 -10.00 -7.55 30.21
N LEU A 136 -9.84 -8.85 30.02
CA LEU A 136 -8.53 -9.44 29.83
C LEU A 136 -8.33 -9.90 28.39
N VAL A 137 -7.11 -9.70 27.90
CA VAL A 137 -6.73 -10.11 26.56
C VAL A 137 -5.44 -10.90 26.71
N ASP A 138 -5.50 -12.19 26.39
CA ASP A 138 -4.34 -13.08 26.53
C ASP A 138 -3.89 -13.06 27.99
N GLY A 139 -4.86 -13.00 28.91
CA GLY A 139 -4.54 -13.00 30.33
C GLY A 139 -4.17 -11.65 30.92
N ALA A 140 -3.90 -10.66 30.07
CA ALA A 140 -3.52 -9.35 30.55
C ALA A 140 -4.73 -8.42 30.66
N GLU A 141 -4.87 -7.77 31.80
CA GLU A 141 -5.97 -6.85 32.03
C GLU A 141 -5.70 -5.52 31.33
N LEU A 142 -6.52 -5.18 30.34
CA LEU A 142 -6.34 -3.94 29.60
C LEU A 142 -7.39 -2.89 29.96
N ASP A 143 -8.38 -3.27 30.76
CA ASP A 143 -9.41 -2.33 31.18
C ASP A 143 -10.04 -2.82 32.49
N LYS A 144 -10.40 -1.87 33.35
CA LYS A 144 -11.02 -2.18 34.62
C LYS A 144 -11.99 -1.06 34.99
N GLN A 145 -13.24 -1.44 35.21
CA GLN A 145 -14.28 -0.47 35.56
C GLN A 145 -14.99 -0.90 36.83
N THR A 146 -15.11 0.01 37.79
CA THR A 146 -15.79 -0.27 39.05
C THR A 146 -17.17 0.35 38.94
N VAL A 147 -18.19 -0.49 38.95
CA VAL A 147 -19.56 0.00 38.82
C VAL A 147 -20.50 -0.66 39.82
N SER A 148 -21.72 -0.15 39.87
CA SER A 148 -22.74 -0.67 40.77
C SER A 148 -23.56 -1.72 40.04
N ASP A 149 -23.81 -1.48 38.75
CA ASP A 149 -24.59 -2.39 37.93
C ASP A 149 -24.14 -2.34 36.46
N ILE A 150 -24.87 -3.06 35.60
CA ILE A 150 -24.55 -3.11 34.18
C ILE A 150 -24.65 -1.73 33.52
N ALA A 151 -25.64 -0.95 33.94
CA ALA A 151 -25.86 0.37 33.38
C ALA A 151 -24.61 1.25 33.50
N GLY A 152 -23.91 1.13 34.62
CA GLY A 152 -22.72 1.93 34.84
C GLY A 152 -21.55 1.59 33.94
N LEU A 153 -21.65 0.47 33.23
CA LEU A 153 -20.58 0.05 32.34
C LEU A 153 -20.49 0.87 31.06
N ALA A 154 -19.26 1.06 30.58
CA ALA A 154 -19.03 1.81 29.35
C ALA A 154 -18.19 0.94 28.42
N ALA A 155 -18.50 0.96 27.14
CA ALA A 155 -17.74 0.15 26.18
C ALA A 155 -16.28 0.56 26.21
N ASN A 156 -15.38 -0.37 25.86
CA ASN A 156 -13.95 -0.08 25.83
C ASN A 156 -13.43 -0.39 24.43
N ASP A 157 -12.11 -0.39 24.25
CA ASP A 157 -11.56 -0.65 22.92
C ASP A 157 -11.64 -2.11 22.50
N TRP A 158 -12.12 -2.97 23.40
CA TRP A 158 -12.20 -4.39 23.08
C TRP A 158 -13.59 -5.01 23.03
N VAL A 159 -14.48 -4.56 23.91
CA VAL A 159 -15.83 -5.12 23.93
C VAL A 159 -16.94 -4.11 24.17
N ILE A 160 -18.16 -4.57 23.89
CA ILE A 160 -19.37 -3.78 24.09
C ILE A 160 -20.19 -4.53 25.12
N PHE A 161 -20.68 -3.81 26.14
CA PHE A 161 -21.48 -4.41 27.18
C PHE A 161 -22.96 -4.26 26.87
N SER A 162 -23.73 -5.33 27.08
CA SER A 162 -25.16 -5.29 26.81
C SER A 162 -25.93 -6.01 27.91
N GLY A 163 -27.21 -5.70 28.02
CA GLY A 163 -28.05 -6.32 29.04
C GLY A 163 -28.59 -5.29 30.00
N THR A 164 -29.30 -5.75 31.01
CA THR A 164 -29.88 -4.85 32.00
C THR A 164 -30.01 -5.52 33.36
N GLY A 165 -30.00 -4.70 34.42
CA GLY A 165 -30.13 -5.25 35.76
C GLY A 165 -28.84 -5.34 36.53
N ALA A 166 -28.78 -6.29 37.46
CA ALA A 166 -27.62 -6.47 38.31
C ALA A 166 -26.54 -7.38 37.73
N LEU A 167 -25.32 -7.16 38.18
CA LEU A 167 -24.18 -7.94 37.74
C LEU A 167 -24.02 -9.18 38.62
N THR A 168 -23.32 -10.16 38.07
CA THR A 168 -23.02 -11.43 38.75
C THR A 168 -21.52 -11.67 38.62
N GLU A 169 -20.90 -12.17 39.67
CA GLU A 169 -19.46 -12.43 39.66
C GLU A 169 -19.05 -13.56 38.74
N THR A 170 -17.76 -13.60 38.42
CA THR A 170 -17.18 -14.64 37.58
C THR A 170 -15.68 -14.56 37.69
N ALA A 171 -15.05 -15.71 37.95
CA ALA A 171 -13.60 -15.76 38.08
C ALA A 171 -12.98 -15.64 36.69
N GLY A 172 -13.73 -16.07 35.68
CA GLY A 172 -13.22 -15.99 34.31
C GLY A 172 -14.24 -16.51 33.33
N ALA A 173 -14.70 -15.63 32.44
CA ALA A 173 -15.68 -15.98 31.43
C ALA A 173 -15.16 -15.55 30.07
N PRO A 174 -14.37 -16.41 29.41
CA PRO A 174 -13.81 -16.13 28.09
C PRO A 174 -14.89 -15.98 27.03
N LEU A 175 -14.71 -15.03 26.11
CA LEU A 175 -15.69 -14.87 25.05
C LEU A 175 -15.43 -15.98 24.05
N ILE A 176 -16.47 -16.46 23.38
CA ILE A 176 -16.31 -17.53 22.41
C ILE A 176 -17.16 -17.34 21.17
N ASN A 177 -17.01 -18.27 20.22
CA ASN A 177 -17.74 -18.26 18.97
C ASN A 177 -17.18 -17.26 17.96
N GLY A 178 -16.02 -16.69 18.25
CA GLY A 178 -15.43 -15.74 17.33
C GLY A 178 -14.71 -16.47 16.21
N SER A 179 -14.64 -15.86 15.03
CA SER A 179 -13.96 -16.46 13.89
C SER A 179 -13.81 -15.47 12.75
N ASP A 180 -12.85 -15.75 11.86
CA ASP A 180 -12.58 -14.89 10.73
C ASP A 180 -13.49 -15.24 9.54
N GLY A 181 -13.94 -16.49 9.51
CA GLY A 181 -14.81 -16.93 8.44
C GLY A 181 -14.10 -17.06 7.11
N ALA A 182 -14.88 -17.14 6.04
CA ALA A 182 -14.34 -17.28 4.69
C ALA A 182 -14.64 -16.02 3.89
N VAL A 183 -13.63 -15.55 3.16
CA VAL A 183 -13.80 -14.35 2.36
C VAL A 183 -14.26 -14.70 0.95
N THR A 184 -15.09 -13.83 0.37
CA THR A 184 -15.58 -14.01 -0.99
C THR A 184 -14.75 -13.17 -1.93
N ASN A 185 -14.53 -13.67 -3.15
CA ASN A 185 -13.73 -12.93 -4.11
C ASN A 185 -14.35 -11.56 -4.40
N GLN A 186 -15.64 -11.43 -4.09
CA GLN A 186 -16.35 -10.17 -4.30
C GLN A 186 -15.82 -9.11 -3.33
N ALA A 187 -15.28 -9.57 -2.20
CA ALA A 187 -14.72 -8.65 -1.22
C ALA A 187 -13.56 -7.88 -1.84
N TYR A 188 -12.86 -8.52 -2.77
CA TYR A 188 -11.73 -7.88 -3.45
C TYR A 188 -12.22 -6.83 -4.43
N ILE A 189 -13.46 -6.98 -4.88
CA ILE A 189 -14.04 -6.00 -5.80
C ILE A 189 -14.37 -4.75 -5.00
N ASP A 190 -14.86 -4.94 -3.78
CA ASP A 190 -15.19 -3.81 -2.92
C ASP A 190 -13.89 -3.06 -2.62
N TYR A 191 -12.82 -3.82 -2.35
CA TYR A 191 -11.52 -3.21 -2.06
C TYR A 191 -11.08 -2.30 -3.21
N LEU A 192 -10.97 -2.87 -4.41
CA LEU A 192 -10.54 -2.10 -5.57
C LEU A 192 -11.34 -0.82 -5.77
N ALA A 193 -12.64 -0.90 -5.55
CA ALA A 193 -13.49 0.28 -5.70
C ALA A 193 -13.11 1.33 -4.68
N ALA A 194 -12.85 0.90 -3.44
CA ALA A 194 -12.50 1.82 -2.38
C ALA A 194 -11.12 2.44 -2.55
N VAL A 195 -10.15 1.63 -2.96
CA VAL A 195 -8.79 2.13 -3.13
C VAL A 195 -8.68 3.08 -4.32
N GLU A 196 -9.48 2.84 -5.35
CA GLU A 196 -9.46 3.68 -6.54
C GLU A 196 -9.68 5.15 -6.24
N ILE A 197 -10.34 5.43 -5.13
CA ILE A 197 -10.64 6.80 -4.74
C ILE A 197 -9.48 7.44 -3.96
N PHE A 198 -8.54 6.62 -3.50
CA PHE A 198 -7.40 7.13 -2.74
C PHE A 198 -6.22 7.39 -3.66
N ASP A 199 -5.26 8.19 -3.17
CA ASP A 199 -4.07 8.41 -3.95
C ASP A 199 -3.07 7.41 -3.37
N PHE A 200 -2.45 6.64 -4.25
CA PHE A 200 -1.48 5.63 -3.85
C PHE A 200 -0.53 5.33 -5.01
N ASN A 201 0.51 4.56 -4.74
CA ASN A 201 1.49 4.24 -5.77
C ASN A 201 1.48 2.78 -6.15
N THR A 202 1.43 1.92 -5.14
CA THR A 202 1.46 0.49 -5.38
C THR A 202 0.48 -0.32 -4.55
N ILE A 203 0.09 -1.46 -5.09
CA ILE A 203 -0.81 -2.38 -4.40
C ILE A 203 -0.15 -3.74 -4.32
N ALA A 204 -0.30 -4.42 -3.19
CA ALA A 204 0.25 -5.75 -3.03
C ALA A 204 -0.92 -6.71 -2.93
N LEU A 205 -0.82 -7.85 -3.62
CA LEU A 205 -1.85 -8.88 -3.55
C LEU A 205 -1.14 -10.12 -3.02
N PRO A 206 -1.15 -10.34 -1.70
CA PRO A 206 -0.51 -11.50 -1.08
C PRO A 206 -1.43 -12.72 -1.14
N SER A 207 -1.76 -13.10 -2.36
CA SER A 207 -2.67 -14.22 -2.62
C SER A 207 -2.19 -15.05 -3.81
N THR A 208 -2.43 -16.36 -3.77
CA THR A 208 -2.03 -17.22 -4.88
C THR A 208 -3.18 -17.44 -5.85
N ASP A 209 -4.32 -16.80 -5.58
CA ASP A 209 -5.51 -16.94 -6.41
C ASP A 209 -5.32 -16.39 -7.84
N ASP A 210 -5.23 -17.29 -8.81
CA ASP A 210 -5.03 -16.90 -10.21
C ASP A 210 -6.11 -15.96 -10.76
N ALA A 211 -7.35 -16.18 -10.35
CA ALA A 211 -8.46 -15.34 -10.81
C ALA A 211 -8.29 -13.91 -10.31
N LEU A 212 -7.85 -13.76 -9.06
CA LEU A 212 -7.65 -12.44 -8.49
C LEU A 212 -6.51 -11.72 -9.18
N LYS A 213 -5.46 -12.47 -9.51
CA LYS A 213 -4.31 -11.89 -10.18
C LYS A 213 -4.72 -11.28 -11.52
N ALA A 214 -5.60 -11.98 -12.24
CA ALA A 214 -6.05 -11.50 -13.54
C ALA A 214 -6.84 -10.21 -13.36
N THR A 215 -7.71 -10.20 -12.36
CA THR A 215 -8.53 -9.02 -12.08
C THR A 215 -7.65 -7.84 -11.69
N PHE A 216 -6.65 -8.06 -10.83
CA PHE A 216 -5.77 -6.96 -10.44
C PHE A 216 -4.97 -6.46 -11.63
N THR A 217 -4.61 -7.37 -12.53
CA THR A 217 -3.86 -7.00 -13.74
C THR A 217 -4.73 -6.09 -14.61
N ALA A 218 -6.00 -6.45 -14.77
CA ALA A 218 -6.92 -5.64 -15.57
C ALA A 218 -7.12 -4.28 -14.89
N PHE A 219 -7.24 -4.31 -13.56
CA PHE A 219 -7.42 -3.12 -12.77
C PHE A 219 -6.28 -2.14 -13.04
N ALA A 220 -5.05 -2.64 -12.99
CA ALA A 220 -3.88 -1.82 -13.24
C ALA A 220 -3.91 -1.18 -14.63
N LYS A 221 -4.26 -1.96 -15.64
CA LYS A 221 -4.30 -1.45 -17.00
C LYS A 221 -5.33 -0.33 -17.17
N ARG A 222 -6.48 -0.50 -16.52
CA ARG A 222 -7.53 0.49 -16.61
C ARG A 222 -7.13 1.81 -15.96
N LEU A 223 -6.65 1.76 -14.72
CA LEU A 223 -6.23 2.99 -14.09
C LEU A 223 -5.10 3.66 -14.85
N ARG A 224 -4.05 2.90 -15.15
CA ARG A 224 -2.89 3.45 -15.85
C ARG A 224 -3.12 4.01 -17.25
N ASP A 225 -3.76 3.22 -18.10
CA ASP A 225 -3.95 3.66 -19.46
C ASP A 225 -5.30 4.20 -19.89
N ASP A 226 -6.30 4.07 -19.03
CA ASP A 226 -7.62 4.59 -19.38
C ASP A 226 -8.01 5.75 -18.48
N GLU A 227 -7.44 5.79 -17.28
CA GLU A 227 -7.75 6.84 -16.32
C GLU A 227 -6.57 7.80 -16.12
N GLY A 228 -5.39 7.42 -16.60
CA GLY A 228 -4.23 8.28 -16.42
C GLY A 228 -3.78 8.30 -14.98
N LYS A 229 -4.16 7.27 -14.22
CA LYS A 229 -3.78 7.17 -12.83
C LYS A 229 -2.68 6.10 -12.76
N LYS A 230 -1.44 6.55 -12.84
CA LYS A 230 -0.29 5.65 -12.84
C LYS A 230 0.03 5.02 -11.50
N ILE A 231 -0.19 3.71 -11.41
CA ILE A 231 0.07 2.92 -10.22
C ILE A 231 0.55 1.54 -10.67
N GLN A 232 0.98 0.72 -9.72
CA GLN A 232 1.41 -0.64 -10.04
C GLN A 232 0.84 -1.62 -9.02
N VAL A 233 0.67 -2.86 -9.46
CA VAL A 233 0.19 -3.93 -8.61
C VAL A 233 1.30 -4.97 -8.56
N VAL A 234 1.52 -5.52 -7.38
CA VAL A 234 2.56 -6.52 -7.16
C VAL A 234 1.90 -7.85 -6.82
N LEU A 235 2.07 -8.81 -7.73
CA LEU A 235 1.48 -10.13 -7.58
C LEU A 235 2.54 -11.20 -7.39
N GLU A 236 2.06 -12.40 -7.09
CA GLU A 236 2.89 -13.58 -6.88
C GLU A 236 2.80 -14.51 -8.07
N ASN A 237 3.96 -14.87 -8.64
CA ASN A 237 4.01 -15.79 -9.76
C ASN A 237 2.91 -15.60 -10.82
N TYR A 238 2.95 -14.48 -11.52
CA TYR A 238 1.98 -14.22 -12.57
C TYR A 238 2.62 -13.42 -13.70
N PRO A 239 3.71 -13.94 -14.27
CA PRO A 239 4.38 -13.25 -15.36
C PRO A 239 3.48 -13.15 -16.60
N ALA A 240 2.41 -13.93 -16.62
CA ALA A 240 1.49 -13.92 -17.75
C ALA A 240 0.85 -12.54 -17.95
N ALA A 241 0.91 -11.69 -16.94
CA ALA A 241 0.35 -10.35 -17.02
C ALA A 241 0.98 -9.57 -18.19
N ASP A 242 2.27 -9.79 -18.43
CA ASP A 242 3.01 -9.15 -19.53
C ASP A 242 2.61 -7.68 -19.69
N TYR A 243 2.67 -6.96 -18.58
CA TYR A 243 2.29 -5.56 -18.54
C TYR A 243 3.18 -4.79 -17.55
N GLU A 244 3.61 -3.59 -17.95
CA GLU A 244 4.49 -2.77 -17.10
C GLU A 244 3.83 -2.32 -15.80
N GLY A 245 2.52 -2.45 -15.72
CA GLY A 245 1.83 -2.05 -14.51
C GLY A 245 1.78 -3.16 -13.48
N VAL A 246 2.34 -4.32 -13.82
CA VAL A 246 2.33 -5.46 -12.90
C VAL A 246 3.71 -6.05 -12.62
N ILE A 247 4.04 -6.19 -11.34
CA ILE A 247 5.30 -6.80 -10.95
C ILE A 247 4.96 -8.18 -10.42
N SER A 248 5.71 -9.19 -10.87
CA SER A 248 5.47 -10.57 -10.43
C SER A 248 6.62 -11.17 -9.63
N VAL A 249 6.40 -11.35 -8.34
CA VAL A 249 7.41 -11.91 -7.43
C VAL A 249 7.40 -13.43 -7.57
N LYS A 250 8.55 -14.01 -7.91
CA LYS A 250 8.67 -15.45 -8.12
C LYS A 250 8.93 -16.27 -6.86
N ASN A 251 9.89 -15.81 -6.05
CA ASN A 251 10.23 -16.54 -4.82
C ASN A 251 10.11 -15.69 -3.57
N GLY A 252 10.38 -16.32 -2.43
CA GLY A 252 10.30 -15.64 -1.15
C GLY A 252 11.67 -15.55 -0.52
N VAL A 253 11.69 -15.27 0.77
CA VAL A 253 12.96 -15.13 1.47
C VAL A 253 12.92 -15.76 2.85
N VAL A 254 14.10 -15.84 3.46
CA VAL A 254 14.23 -16.38 4.80
C VAL A 254 14.75 -15.22 5.64
N LEU A 255 14.01 -14.89 6.70
CA LEU A 255 14.36 -13.80 7.59
C LEU A 255 15.40 -14.19 8.64
N ALA A 256 16.04 -13.20 9.23
CA ALA A 256 17.06 -13.45 10.24
C ALA A 256 16.49 -14.20 11.46
N ASP A 257 15.20 -14.05 11.70
CA ASP A 257 14.58 -14.73 12.84
C ASP A 257 14.17 -16.15 12.49
N GLY A 258 14.53 -16.59 11.28
CA GLY A 258 14.18 -17.93 10.84
C GLY A 258 12.92 -18.03 10.03
N THR A 259 12.11 -16.96 10.04
CA THR A 259 10.84 -16.92 9.30
C THR A 259 11.02 -17.12 7.80
N ILE A 260 10.23 -18.01 7.21
CA ILE A 260 10.29 -18.24 5.78
C ILE A 260 9.05 -17.59 5.17
N LEU A 261 9.25 -16.61 4.30
CA LEU A 261 8.12 -15.94 3.65
C LEU A 261 7.97 -16.46 2.24
N THR A 262 6.73 -16.77 1.85
CA THR A 262 6.44 -17.25 0.51
C THR A 262 6.49 -16.08 -0.46
N ALA A 263 6.38 -16.38 -1.76
CA ALA A 263 6.39 -15.33 -2.76
C ALA A 263 5.17 -14.44 -2.55
N ALA A 264 4.04 -15.07 -2.21
CA ALA A 264 2.81 -14.32 -1.98
C ALA A 264 3.01 -13.32 -0.83
N GLN A 265 3.65 -13.77 0.24
CA GLN A 265 3.90 -12.89 1.38
C GLN A 265 4.93 -11.82 1.03
N ALA A 266 5.86 -12.17 0.16
CA ALA A 266 6.91 -11.26 -0.27
C ALA A 266 6.39 -10.07 -1.07
N THR A 267 5.18 -10.18 -1.63
CA THR A 267 4.61 -9.07 -2.39
C THR A 267 4.45 -7.83 -1.51
N ALA A 268 4.26 -8.04 -0.20
CA ALA A 268 4.10 -6.93 0.73
C ALA A 268 5.32 -6.02 0.72
N TRP A 269 6.49 -6.61 0.96
CA TRP A 269 7.73 -5.82 0.96
C TRP A 269 8.02 -5.24 -0.42
N VAL A 270 7.86 -6.06 -1.46
CA VAL A 270 8.13 -5.57 -2.80
C VAL A 270 7.28 -4.36 -3.14
N ALA A 271 6.00 -4.40 -2.76
CA ALA A 271 5.09 -3.28 -3.03
C ALA A 271 5.51 -2.06 -2.22
N GLY A 272 5.87 -2.29 -0.96
CA GLY A 272 6.30 -1.19 -0.10
C GLY A 272 7.58 -0.57 -0.60
N ALA A 273 8.52 -1.42 -1.02
CA ALA A 273 9.81 -0.96 -1.55
C ALA A 273 9.67 -0.19 -2.84
N THR A 274 8.76 -0.65 -3.70
CA THR A 274 8.51 -0.02 -4.98
C THR A 274 7.88 1.36 -4.74
N ALA A 275 6.90 1.40 -3.84
CA ALA A 275 6.22 2.65 -3.51
C ALA A 275 7.19 3.63 -2.86
N GLY A 276 8.04 3.12 -1.98
CA GLY A 276 9.02 3.96 -1.29
C GLY A 276 10.20 4.40 -2.13
N ALA A 277 10.48 3.67 -3.20
CA ALA A 277 11.60 4.00 -4.08
C ALA A 277 11.36 5.35 -4.77
N ARG A 278 12.42 6.15 -4.86
CA ARG A 278 12.35 7.46 -5.50
C ARG A 278 12.46 7.29 -7.01
N VAL A 279 12.09 8.32 -7.76
CA VAL A 279 12.16 8.25 -9.22
C VAL A 279 13.57 8.06 -9.76
N ASN A 280 14.58 8.25 -8.90
CA ASN A 280 15.97 8.07 -9.33
C ASN A 280 16.57 6.82 -8.71
N GLU A 281 15.75 6.01 -8.05
CA GLU A 281 16.24 4.79 -7.40
C GLU A 281 15.73 3.49 -8.00
N SER A 282 16.61 2.49 -8.05
CA SER A 282 16.28 1.18 -8.57
C SER A 282 16.48 0.16 -7.45
N LEU A 283 15.61 -0.85 -7.38
CA LEU A 283 15.73 -1.86 -6.34
C LEU A 283 16.78 -2.92 -6.67
N THR A 284 17.28 -2.91 -7.90
CA THR A 284 18.26 -3.90 -8.32
C THR A 284 19.42 -4.04 -7.34
N TYR A 285 19.63 -5.27 -6.90
CA TYR A 285 20.67 -5.63 -5.96
C TYR A 285 20.55 -4.99 -4.58
N GLN A 286 19.35 -4.51 -4.26
CA GLN A 286 19.13 -3.98 -2.92
C GLN A 286 18.69 -5.23 -2.18
N GLY A 287 19.00 -5.31 -0.89
CA GLY A 287 18.61 -6.49 -0.15
C GLY A 287 17.25 -6.35 0.51
N TYR A 288 16.53 -7.45 0.60
CA TYR A 288 15.23 -7.47 1.25
C TYR A 288 15.54 -7.29 2.73
N ASP A 289 15.09 -6.19 3.32
CA ASP A 289 15.36 -5.90 4.72
C ASP A 289 15.05 -7.04 5.69
N GLU A 290 16.06 -7.46 6.44
CA GLU A 290 15.93 -8.53 7.45
C GLU A 290 16.13 -9.95 6.89
N ALA A 291 16.26 -10.08 5.57
CA ALA A 291 16.42 -11.39 4.95
C ALA A 291 17.86 -11.86 4.87
N VAL A 292 18.06 -13.15 5.07
CA VAL A 292 19.41 -13.70 5.01
C VAL A 292 19.58 -14.81 3.96
N ASP A 293 18.50 -15.18 3.30
CA ASP A 293 18.55 -16.21 2.27
C ASP A 293 17.28 -16.09 1.44
N VAL A 294 17.16 -16.86 0.37
CA VAL A 294 15.97 -16.82 -0.45
C VAL A 294 15.37 -18.22 -0.50
N ALA A 295 14.08 -18.31 -0.83
CA ALA A 295 13.41 -19.61 -0.90
C ALA A 295 12.30 -19.60 -1.93
N PRO A 296 12.43 -20.42 -2.99
CA PRO A 296 13.61 -21.27 -3.21
C PRO A 296 14.76 -20.58 -3.91
N ARG A 297 15.86 -21.31 -4.05
CA ARG A 297 17.05 -20.80 -4.74
C ARG A 297 16.98 -21.35 -6.16
N TYR A 298 17.65 -20.66 -7.09
CA TYR A 298 17.65 -21.05 -8.49
C TYR A 298 19.06 -21.11 -9.06
N THR A 299 19.22 -21.86 -10.14
CA THR A 299 20.53 -21.96 -10.79
C THR A 299 20.69 -20.76 -11.72
N ASN A 300 21.89 -20.55 -12.24
CA ASN A 300 22.15 -19.44 -13.15
C ASN A 300 21.19 -19.50 -14.35
N ALA A 301 20.99 -20.69 -14.88
CA ALA A 301 20.10 -20.86 -16.03
C ALA A 301 18.66 -20.53 -15.66
N GLN A 302 18.23 -20.96 -14.48
CA GLN A 302 16.87 -20.70 -14.04
C GLN A 302 16.63 -19.21 -13.82
N ILE A 303 17.64 -18.50 -13.32
CA ILE A 303 17.50 -17.07 -13.08
C ILE A 303 17.33 -16.33 -14.42
N ILE A 304 18.17 -16.68 -15.38
CA ILE A 304 18.11 -16.07 -16.70
C ILE A 304 16.77 -16.30 -17.35
N ALA A 305 16.27 -17.54 -17.25
CA ALA A 305 14.98 -17.87 -17.83
C ALA A 305 13.88 -17.06 -17.15
N ALA A 306 13.98 -16.91 -15.84
CA ALA A 306 13.00 -16.17 -15.06
C ALA A 306 12.98 -14.69 -15.43
N LEU A 307 14.17 -14.10 -15.58
CA LEU A 307 14.27 -12.70 -15.94
C LEU A 307 13.69 -12.51 -17.33
N GLN A 308 14.07 -13.41 -18.24
CA GLN A 308 13.57 -13.35 -19.61
C GLN A 308 12.05 -13.46 -19.61
N ALA A 309 11.50 -14.12 -18.59
CA ALA A 309 10.06 -14.29 -18.47
C ALA A 309 9.37 -13.10 -17.79
N GLY A 310 10.18 -12.14 -17.33
CA GLY A 310 9.62 -10.95 -16.69
C GLY A 310 9.34 -11.11 -15.20
N GLU A 311 10.10 -11.96 -14.54
CA GLU A 311 9.92 -12.22 -13.14
C GLU A 311 10.84 -11.45 -12.18
N PHE A 312 10.24 -10.98 -11.09
CA PHE A 312 10.93 -10.25 -10.03
C PHE A 312 11.31 -11.35 -9.04
N LEU A 313 12.61 -11.56 -8.84
CA LEU A 313 13.07 -12.61 -7.93
C LEU A 313 14.27 -12.22 -7.08
N PHE A 314 14.43 -12.92 -5.97
CA PHE A 314 15.54 -12.68 -5.04
C PHE A 314 16.61 -13.73 -5.24
N THR A 315 17.87 -13.32 -5.04
CA THR A 315 19.01 -14.21 -5.17
C THR A 315 19.84 -14.06 -3.90
N ALA A 316 20.26 -15.18 -3.33
CA ALA A 316 21.06 -15.16 -2.10
C ALA A 316 22.51 -14.78 -2.40
N SER A 317 23.08 -13.94 -1.55
CA SER A 317 24.46 -13.49 -1.71
C SER A 317 24.98 -12.85 -0.43
N ASP A 318 26.12 -13.34 0.07
CA ASP A 318 26.72 -12.79 1.29
C ASP A 318 25.71 -12.69 2.43
N ASN A 319 24.93 -13.76 2.62
CA ASN A 319 23.93 -13.83 3.67
C ASN A 319 22.81 -12.79 3.55
N GLN A 320 22.46 -12.45 2.32
CA GLN A 320 21.39 -11.49 2.07
C GLN A 320 20.55 -11.98 0.90
N ALA A 321 19.34 -11.45 0.79
CA ALA A 321 18.42 -11.79 -0.29
C ALA A 321 18.39 -10.55 -1.18
N LEU A 322 19.13 -10.57 -2.28
CA LEU A 322 19.16 -9.41 -3.16
C LEU A 322 18.16 -9.49 -4.31
N VAL A 323 17.62 -8.34 -4.68
CA VAL A 323 16.70 -8.29 -5.81
C VAL A 323 17.60 -8.50 -7.01
N GLU A 324 17.33 -9.54 -7.78
CA GLU A 324 18.15 -9.85 -8.96
C GLU A 324 18.09 -8.68 -9.93
N GLN A 325 16.87 -8.33 -10.33
CA GLN A 325 16.62 -7.22 -11.23
C GLN A 325 15.28 -6.62 -10.88
N ASP A 326 15.24 -5.29 -10.76
CA ASP A 326 14.04 -4.55 -10.40
C ASP A 326 13.21 -4.38 -11.69
N ILE A 327 12.51 -5.43 -12.08
CA ILE A 327 11.72 -5.39 -13.31
C ILE A 327 10.26 -5.78 -13.11
N ASN A 328 9.42 -5.37 -14.06
CA ASN A 328 8.01 -5.70 -14.03
C ASN A 328 7.79 -6.82 -15.05
N THR A 329 6.54 -7.25 -15.24
CA THR A 329 6.25 -8.35 -16.14
C THR A 329 6.27 -8.11 -17.65
N LEU A 330 6.46 -6.87 -18.07
CA LEU A 330 6.47 -6.60 -19.51
C LEU A 330 7.60 -7.31 -20.25
N THR A 331 7.22 -8.19 -21.18
CA THR A 331 8.20 -8.92 -21.98
C THR A 331 7.96 -8.79 -23.48
N SER A 332 6.73 -8.46 -23.88
CA SER A 332 6.41 -8.31 -25.30
C SER A 332 6.76 -6.88 -25.73
N PHE A 333 8.02 -6.63 -25.99
CA PHE A 333 8.46 -5.30 -26.36
C PHE A 333 8.15 -4.97 -27.81
N THR A 334 7.85 -3.69 -28.06
CA THR A 334 7.56 -3.22 -29.40
C THR A 334 8.39 -1.98 -29.67
N ALA A 335 8.26 -1.45 -30.88
CA ALA A 335 8.99 -0.25 -31.26
C ALA A 335 8.62 0.90 -30.33
N ASP A 336 7.33 1.06 -30.07
CA ASP A 336 6.81 2.12 -29.21
C ASP A 336 6.98 1.85 -27.71
N LYS A 337 7.18 0.60 -27.33
CA LYS A 337 7.35 0.28 -25.92
C LYS A 337 8.49 -0.73 -25.79
N GLY A 338 9.71 -0.19 -25.75
CA GLY A 338 10.90 -1.02 -25.66
C GLY A 338 11.19 -1.66 -24.32
N LYS A 339 12.33 -2.34 -24.26
CA LYS A 339 12.74 -3.05 -23.04
C LYS A 339 12.91 -2.13 -21.83
N GLN A 340 13.15 -0.84 -22.08
CA GLN A 340 13.32 0.10 -20.97
C GLN A 340 12.07 0.14 -20.09
N PHE A 341 10.90 -0.08 -20.69
CA PHE A 341 9.66 -0.06 -19.93
C PHE A 341 9.53 -1.20 -18.91
N ALA A 342 10.41 -2.18 -19.00
CA ALA A 342 10.39 -3.31 -18.07
C ALA A 342 11.07 -2.96 -16.76
N LYS A 343 11.84 -1.87 -16.75
CA LYS A 343 12.57 -1.44 -15.56
C LYS A 343 11.66 -0.58 -14.69
N ASN A 344 11.50 -0.97 -13.43
CA ASN A 344 10.62 -0.22 -12.55
C ASN A 344 11.03 1.22 -12.27
N ARG A 345 12.33 1.50 -12.32
CA ARG A 345 12.78 2.87 -12.11
C ARG A 345 12.32 3.72 -13.30
N VAL A 346 12.34 3.13 -14.50
CA VAL A 346 11.89 3.87 -15.68
C VAL A 346 10.41 4.19 -15.49
N ILE A 347 9.66 3.20 -15.02
CA ILE A 347 8.24 3.40 -14.78
C ILE A 347 8.01 4.50 -13.72
N ARG A 348 8.84 4.54 -12.69
CA ARG A 348 8.69 5.57 -11.66
C ARG A 348 8.91 6.96 -12.24
N VAL A 349 9.92 7.13 -13.08
CA VAL A 349 10.15 8.46 -13.63
C VAL A 349 9.02 8.87 -14.60
N LEU A 350 8.56 7.93 -15.41
CA LEU A 350 7.49 8.23 -16.36
C LEU A 350 6.16 8.43 -15.64
N ASP A 351 5.86 7.62 -14.63
CA ASP A 351 4.62 7.79 -13.88
C ASP A 351 4.69 9.13 -13.15
N GLY A 352 5.90 9.51 -12.74
CA GLY A 352 6.09 10.78 -12.06
C GLY A 352 5.76 11.93 -13.00
N ILE A 353 6.24 11.83 -14.22
CA ILE A 353 5.99 12.86 -15.23
C ILE A 353 4.49 12.96 -15.45
N ASN A 354 3.85 11.81 -15.62
CA ASN A 354 2.42 11.77 -15.85
C ASN A 354 1.65 12.37 -14.69
N ASN A 355 1.75 11.74 -13.52
CA ASN A 355 1.04 12.19 -12.33
C ASN A 355 1.33 13.65 -11.98
N ASP A 356 2.60 14.04 -11.98
CA ASP A 356 2.94 15.42 -11.67
C ASP A 356 2.32 16.39 -12.66
N PHE A 357 2.52 16.14 -13.95
CA PHE A 357 1.95 17.01 -14.99
C PHE A 357 0.45 17.18 -14.80
N VAL A 358 -0.26 16.07 -14.69
CA VAL A 358 -1.70 16.10 -14.50
C VAL A 358 -2.06 17.00 -13.31
N ARG A 359 -1.26 16.91 -12.25
CA ARG A 359 -1.49 17.70 -11.05
C ARG A 359 -1.16 19.18 -11.26
N ILE A 360 -0.01 19.46 -11.86
CA ILE A 360 0.42 20.83 -12.11
C ILE A 360 -0.51 21.58 -13.06
N PHE A 361 -0.89 20.93 -14.15
CA PHE A 361 -1.77 21.56 -15.12
C PHE A 361 -3.18 21.77 -14.59
N SER A 362 -3.73 20.76 -13.94
CA SER A 362 -5.08 20.83 -13.40
C SER A 362 -5.22 21.83 -12.24
N LYS A 363 -4.11 22.14 -11.58
CA LYS A 363 -4.15 23.06 -10.45
C LYS A 363 -3.78 24.51 -10.80
N PHE A 364 -2.63 24.69 -11.43
CA PHE A 364 -2.16 26.03 -11.76
C PHE A 364 -2.54 26.52 -13.16
N TYR A 365 -3.16 25.66 -13.95
CA TYR A 365 -3.57 26.04 -15.30
C TYR A 365 -5.03 25.71 -15.58
N SER A 370 -5.19 30.11 -21.33
CA SER A 370 -5.71 30.19 -22.70
C SER A 370 -4.70 29.66 -23.71
N ASN A 371 -5.20 29.09 -24.81
CA ASN A 371 -4.32 28.53 -25.84
C ASN A 371 -3.81 29.61 -26.80
N ASN A 372 -2.87 30.41 -26.31
CA ASN A 372 -2.28 31.46 -27.11
C ASN A 372 -0.75 31.45 -26.94
N ALA A 373 -0.07 32.31 -27.68
CA ALA A 373 1.38 32.37 -27.63
C ALA A 373 1.95 32.42 -26.21
N ASP A 374 1.49 33.39 -25.41
CA ASP A 374 1.99 33.54 -24.06
C ASP A 374 1.61 32.40 -23.12
N GLY A 375 0.37 31.95 -23.24
CA GLY A 375 -0.08 30.85 -22.41
C GLY A 375 0.78 29.62 -22.64
N ARG A 376 1.04 29.30 -23.91
CA ARG A 376 1.84 28.14 -24.27
C ARG A 376 3.30 28.29 -23.83
N ASN A 377 3.81 29.51 -23.91
CA ASN A 377 5.18 29.79 -23.50
C ASN A 377 5.36 29.56 -22.01
N LEU A 378 4.39 29.99 -21.22
CA LEU A 378 4.46 29.83 -19.78
C LEU A 378 4.40 28.37 -19.37
N LEU A 379 3.57 27.60 -20.08
CA LEU A 379 3.43 26.18 -19.80
C LEU A 379 4.75 25.49 -20.15
N LYS A 380 5.34 25.91 -21.27
CA LYS A 380 6.59 25.36 -21.73
C LYS A 380 7.70 25.60 -20.71
N SER A 381 7.72 26.81 -20.15
CA SER A 381 8.72 27.18 -19.15
C SER A 381 8.59 26.34 -17.89
N GLU A 382 7.36 26.11 -17.46
CA GLU A 382 7.15 25.32 -16.25
C GLU A 382 7.56 23.86 -16.44
N CYS A 383 7.37 23.35 -17.65
CA CYS A 383 7.74 21.96 -17.93
C CYS A 383 9.25 21.83 -18.01
N ILE A 384 9.89 22.81 -18.63
CA ILE A 384 11.35 22.80 -18.74
C ILE A 384 11.93 22.79 -17.34
N ASN A 385 11.42 23.67 -16.48
CA ASN A 385 11.92 23.73 -15.10
C ASN A 385 11.72 22.39 -14.42
N TYR A 386 10.60 21.75 -14.70
CA TYR A 386 10.29 20.45 -14.10
C TYR A 386 11.31 19.43 -14.58
N ASN A 388 14.25 19.95 -15.73
CA ASN A 388 15.57 20.27 -15.21
C ASN A 388 15.72 19.74 -13.79
N THR A 389 14.63 19.76 -13.03
CA THR A 389 14.65 19.26 -11.66
C THR A 389 14.90 17.75 -11.65
N LEU A 390 14.32 17.05 -12.62
CA LEU A 390 14.51 15.61 -12.72
C LEU A 390 15.96 15.30 -13.06
N GLN A 391 16.56 16.14 -13.90
CA GLN A 391 17.94 15.94 -14.30
C GLN A 391 18.88 16.24 -13.13
N ASP A 392 18.51 17.21 -12.31
CA ASP A 392 19.33 17.58 -11.15
C ASP A 392 19.40 16.46 -10.12
N ILE A 393 18.32 15.69 -10.00
CA ILE A 393 18.29 14.60 -9.03
C ILE A 393 18.72 13.30 -9.70
N ASP A 394 19.29 13.43 -10.89
CA ASP A 394 19.78 12.30 -11.66
C ASP A 394 18.69 11.26 -12.01
N ALA A 395 17.48 11.74 -12.28
CA ALA A 395 16.37 10.86 -12.67
C ALA A 395 16.44 10.69 -14.18
N ILE A 396 16.84 11.76 -14.87
CA ILE A 396 16.99 11.73 -16.32
C ILE A 396 18.34 12.36 -16.65
N LYS A 397 18.75 12.24 -17.91
CA LYS A 397 20.01 12.80 -18.34
C LYS A 397 19.93 13.34 -19.74
N ASN A 398 20.93 14.13 -20.11
CA ASN A 398 21.01 14.71 -21.44
C ASN A 398 19.76 15.50 -21.82
N PHE A 399 19.18 16.21 -20.86
CA PHE A 399 18.00 17.01 -21.16
C PHE A 399 18.43 18.43 -21.51
N ASP A 400 18.08 18.86 -22.71
CA ASP A 400 18.42 20.20 -23.18
C ASP A 400 17.13 21.01 -23.36
N GLY A 401 16.83 21.86 -22.39
CA GLY A 401 15.62 22.67 -22.44
C GLY A 401 15.53 23.53 -23.69
N GLN A 402 16.65 23.71 -24.37
CA GLN A 402 16.66 24.52 -25.58
C GLN A 402 16.16 23.79 -26.81
N THR A 403 15.82 22.52 -26.67
CA THR A 403 15.33 21.77 -27.83
C THR A 403 14.53 20.51 -27.51
N ASP A 404 14.62 20.04 -26.28
CA ASP A 404 13.93 18.81 -25.88
C ASP A 404 12.49 18.94 -25.45
N LEU A 405 11.89 20.12 -25.60
CA LEU A 405 10.50 20.32 -25.22
C LEU A 405 9.88 21.51 -25.93
N THR A 406 8.73 21.27 -26.56
CA THR A 406 8.01 22.31 -27.28
C THR A 406 6.52 22.27 -26.98
N VAL A 407 5.82 23.36 -27.30
CA VAL A 407 4.39 23.47 -27.05
C VAL A 407 3.67 24.14 -28.23
N GLN A 408 2.80 23.40 -28.91
CA GLN A 408 2.05 23.92 -30.05
C GLN A 408 0.54 23.90 -29.78
N SER A 409 -0.20 24.65 -30.58
CA SER A 409 -1.65 24.72 -30.44
C SER A 409 -2.30 23.49 -31.05
N ASP A 412 -7.45 22.02 -32.72
CA ASP A 412 -8.55 22.51 -31.88
C ASP A 412 -8.18 23.89 -31.33
N VAL A 413 -9.18 24.76 -31.19
CA VAL A 413 -8.95 26.12 -30.70
C VAL A 413 -8.48 26.21 -29.25
N ASP A 414 -8.95 25.29 -28.40
CA ASP A 414 -8.56 25.29 -26.99
C ASP A 414 -7.80 24.03 -26.60
N ALA A 415 -7.00 23.51 -27.52
CA ALA A 415 -6.20 22.31 -27.27
C ALA A 415 -4.73 22.67 -27.33
N VAL A 416 -3.99 22.22 -26.33
CA VAL A 416 -2.55 22.48 -26.26
C VAL A 416 -1.79 21.16 -26.29
N TYR A 417 -0.78 21.09 -27.16
CA TYR A 417 0.02 19.89 -27.30
C TYR A 417 1.47 20.15 -26.88
N ILE A 418 2.00 19.27 -26.05
CA ILE A 418 3.37 19.39 -25.57
C ILE A 418 4.16 18.15 -25.97
N GLU A 419 5.30 18.36 -26.61
CA GLU A 419 6.16 17.27 -27.03
C GLU A 419 7.53 17.42 -26.36
N ALA A 420 8.05 16.33 -25.80
CA ALA A 420 9.33 16.39 -25.14
C ALA A 420 10.09 15.07 -25.24
N TYR A 421 11.39 15.13 -24.96
CA TYR A 421 12.22 13.94 -24.96
C TYR A 421 12.82 13.83 -23.58
N ALA A 422 12.62 12.67 -22.97
CA ALA A 422 13.16 12.41 -21.64
C ALA A 422 14.05 11.20 -21.74
N TRP A 423 15.24 11.30 -21.16
CA TRP A 423 16.20 10.21 -21.20
C TRP A 423 16.44 9.67 -19.79
N PRO A 424 15.76 8.58 -19.42
CA PRO A 424 15.94 7.99 -18.09
C PRO A 424 17.39 7.56 -17.90
N VAL A 425 17.93 7.76 -16.70
CA VAL A 425 19.32 7.38 -16.44
C VAL A 425 19.61 5.91 -16.74
N ASP A 426 18.66 5.04 -16.41
CA ASP A 426 18.84 3.62 -16.67
C ASP A 426 18.23 3.24 -18.02
N SER A 427 18.70 3.92 -19.06
CA SER A 427 18.21 3.69 -20.41
C SER A 427 19.08 4.45 -21.41
N ILE A 428 19.59 3.75 -22.42
CA ILE A 428 20.43 4.40 -23.42
C ILE A 428 19.61 4.81 -24.63
N GLU A 429 18.31 4.97 -24.42
CA GLU A 429 17.41 5.37 -25.49
C GLU A 429 16.42 6.42 -24.95
N LYS A 430 16.26 7.51 -25.71
CA LYS A 430 15.36 8.60 -25.32
C LYS A 430 13.90 8.15 -25.38
N ILE A 431 13.06 8.78 -24.57
CA ILE A 431 11.64 8.45 -24.57
C ILE A 431 10.83 9.68 -24.98
N TYR A 432 9.91 9.47 -25.92
CA TYR A 432 9.04 10.52 -26.43
C TYR A 432 7.86 10.71 -25.48
N VAL A 433 7.60 11.96 -25.11
CA VAL A 433 6.51 12.28 -24.20
C VAL A 433 5.56 13.24 -24.90
N ARG A 434 4.30 12.84 -25.04
CA ARG A 434 3.31 13.68 -25.69
C ARG A 434 2.20 14.01 -24.71
N VAL A 435 1.98 15.31 -24.49
CA VAL A 435 0.95 15.77 -23.59
C VAL A 435 -0.16 16.51 -24.35
N ARG A 436 -1.39 16.10 -24.11
CA ARG A 436 -2.55 16.71 -24.75
C ARG A 436 -3.40 17.34 -23.65
N ILE A 437 -3.54 18.67 -23.70
CA ILE A 437 -4.33 19.40 -22.72
C ILE A 437 -5.53 20.07 -23.38
N LYS A 438 -6.71 19.91 -22.77
CA LYS A 438 -7.93 20.48 -23.29
C LYS A 438 -8.54 21.43 -22.26
N LEU A 439 -9.13 22.53 -22.72
CA LEU A 439 -9.75 23.50 -21.82
C LEU A 439 -11.17 23.84 -22.25
#